data_3M4U
#
_entry.id   3M4U
#
_cell.length_a   76.632
_cell.length_b   77.377
_cell.length_c   117.195
_cell.angle_alpha   90.00
_cell.angle_beta   90.00
_cell.angle_gamma   90.00
#
_symmetry.space_group_name_H-M   'P 21 21 21'
#
loop_
_entity.id
_entity.type
_entity.pdbx_description
1 polymer 'Tyrosine specific protein phosphatase, putative'
2 non-polymer 'PHOSPHATE ION'
3 water water
#
_entity_poly.entity_id   1
_entity_poly.type   'polypeptide(L)'
_entity_poly.pdbx_seq_one_letter_code
;MSTAKSFPMAQLSTRAQYSRMQREFVQLQRQENPRNINFTTSLKNRHKNRYLDILANEETIYPPVLKAVGAQPGRYPYIN
GNLIDLDLPHTFVACQAPVPQGVPDFLETLSEKKVDLVVMLTKLREGGVLKAERYWPEEEEDSLSFPESGHDAIKVTRDA
EASYEVDAELDIVRRPLVIHVPGKPMHRVLQVQYVGWPDHGVPESAASFDELLSVIKNCVTTSPILVHCSAGIGRTGTLI
GAYAALLHIERGILTDSTVYSIVAAMKQKRFGMVQRLEQYAVIYMTVLGRLGVDISGLVSTLNLKA
;
_entity_poly.pdbx_strand_id   A,B
#
loop_
_chem_comp.id
_chem_comp.type
_chem_comp.name
_chem_comp.formula
PO4 non-polymer 'PHOSPHATE ION' 'O4 P -3'
#
# COMPACT_ATOMS: atom_id res chain seq x y z
N SER A 6 -6.95 -6.85 -36.53
CA SER A 6 -6.90 -5.41 -36.28
C SER A 6 -5.86 -5.00 -35.23
N PHE A 7 -5.65 -5.89 -34.25
CA PHE A 7 -4.66 -5.63 -33.21
C PHE A 7 -3.66 -6.79 -33.13
N PRO A 8 -2.64 -6.75 -34.01
CA PRO A 8 -1.63 -7.78 -34.19
C PRO A 8 -0.92 -8.18 -32.90
N MET A 9 -0.90 -7.29 -31.91
CA MET A 9 -0.29 -7.62 -30.63
C MET A 9 -1.01 -8.77 -29.94
N ALA A 10 -2.30 -8.93 -30.22
CA ALA A 10 -3.07 -9.96 -29.55
C ALA A 10 -2.71 -11.35 -30.10
N GLN A 11 -2.24 -11.40 -31.34
CA GLN A 11 -1.85 -12.67 -31.96
C GLN A 11 -0.43 -13.10 -31.59
N LEU A 12 0.38 -12.16 -31.11
CA LEU A 12 1.75 -12.48 -30.69
C LEU A 12 1.74 -13.44 -29.51
N SER A 13 2.77 -14.28 -29.42
CA SER A 13 2.92 -15.16 -28.28
C SER A 13 3.29 -14.30 -27.08
N THR A 14 2.91 -14.74 -25.89
CA THR A 14 3.23 -13.96 -24.70
C THR A 14 4.68 -13.46 -24.70
N ARG A 15 5.63 -14.39 -24.91
CA ARG A 15 7.04 -14.04 -24.97
C ARG A 15 7.32 -12.93 -25.97
N ALA A 16 6.72 -13.06 -27.16
CA ALA A 16 6.91 -12.06 -28.21
C ALA A 16 6.25 -10.72 -27.84
N GLN A 17 5.11 -10.78 -27.16
CA GLN A 17 4.45 -9.57 -26.66
C GLN A 17 5.38 -8.80 -25.72
N TYR A 18 5.90 -9.50 -24.72
CA TYR A 18 6.79 -8.87 -23.77
C TYR A 18 7.99 -8.26 -24.52
N SER A 19 8.71 -9.13 -25.24
CA SER A 19 9.83 -8.70 -26.06
C SER A 19 9.48 -7.47 -26.89
N ARG A 20 8.28 -7.47 -27.45
CA ARG A 20 7.81 -6.36 -28.28
C ARG A 20 7.60 -5.10 -27.43
N MET A 21 6.98 -5.26 -26.28
CA MET A 21 6.78 -4.13 -25.40
C MET A 21 8.13 -3.60 -24.95
N GLN A 22 9.05 -4.51 -24.67
CA GLN A 22 10.37 -4.07 -24.20
C GLN A 22 11.11 -3.23 -25.24
N ARG A 23 11.23 -3.71 -26.46
CA ARG A 23 11.96 -2.92 -27.44
C ARG A 23 11.19 -1.68 -27.88
N GLU A 24 9.87 -1.74 -27.81
CA GLU A 24 9.07 -0.53 -28.03
C GLU A 24 9.41 0.51 -26.97
N PHE A 25 9.49 0.07 -25.71
CA PHE A 25 9.70 1.01 -24.62
C PHE A 25 11.09 1.64 -24.65
N VAL A 26 12.12 0.82 -24.89
CA VAL A 26 13.46 1.33 -25.11
C VAL A 26 13.46 2.45 -26.14
N GLN A 27 12.78 2.23 -27.26
CA GLN A 27 12.69 3.24 -28.30
C GLN A 27 11.98 4.50 -27.78
N LEU A 28 10.87 4.30 -27.06
CA LEU A 28 10.11 5.41 -26.49
C LEU A 28 10.97 6.20 -25.48
N GLN A 29 11.83 5.51 -24.74
CA GLN A 29 12.64 6.18 -23.75
C GLN A 29 13.69 7.13 -24.37
N ARG A 30 14.26 6.72 -25.48
CA ARG A 30 15.28 7.55 -26.13
C ARG A 30 14.65 8.55 -27.08
N GLN A 31 13.35 8.44 -27.26
CA GLN A 31 12.64 9.36 -28.14
C GLN A 31 12.97 10.81 -27.80
N GLU A 32 12.89 11.16 -26.52
CA GLU A 32 13.11 12.54 -26.11
C GLU A 32 14.50 12.69 -25.50
N ASN A 33 15.21 13.73 -25.92
CA ASN A 33 16.51 14.04 -25.35
C ASN A 33 16.41 15.11 -24.27
N PRO A 34 16.63 14.73 -23.00
CA PRO A 34 16.36 15.65 -21.90
C PRO A 34 17.10 16.97 -22.11
N ARG A 35 18.38 16.86 -22.46
CA ARG A 35 19.28 18.02 -22.52
C ARG A 35 18.90 18.98 -23.64
N ASN A 36 17.88 18.62 -24.41
CA ASN A 36 17.50 19.43 -25.58
C ASN A 36 16.11 20.07 -25.48
N ILE A 37 15.57 20.13 -24.27
CA ILE A 37 14.23 20.69 -24.09
C ILE A 37 14.26 22.00 -23.33
N ASN A 38 13.41 22.93 -23.73
CA ASN A 38 13.24 24.16 -22.96
C ASN A 38 12.47 23.93 -21.65
N PHE A 39 13.18 24.11 -20.54
CA PHE A 39 12.60 23.96 -19.21
C PHE A 39 12.68 25.26 -18.42
N THR A 40 12.44 26.39 -19.09
CA THR A 40 12.83 27.69 -18.53
C THR A 40 12.03 28.09 -17.29
N THR A 41 10.72 28.18 -17.43
CA THR A 41 9.85 28.53 -16.30
C THR A 41 9.98 27.52 -15.16
N SER A 42 10.06 26.24 -15.50
CA SER A 42 10.23 25.23 -14.47
C SER A 42 11.53 25.44 -13.69
N LEU A 43 12.57 25.85 -14.39
CA LEU A 43 13.86 26.04 -13.73
C LEU A 43 13.89 27.34 -12.91
N LYS A 44 13.01 28.27 -13.24
CA LYS A 44 12.93 29.51 -12.47
C LYS A 44 12.12 29.26 -11.19
N ASN A 45 11.36 28.17 -11.19
CA ASN A 45 10.58 27.81 -10.01
C ASN A 45 11.14 26.59 -9.30
N ARG A 46 12.47 26.52 -9.20
CA ARG A 46 13.10 25.36 -8.56
C ARG A 46 12.52 25.09 -7.18
N HIS A 47 12.18 26.16 -6.47
CA HIS A 47 11.80 26.05 -5.07
C HIS A 47 10.39 25.47 -4.90
N LYS A 48 9.65 25.41 -6.00
CA LYS A 48 8.33 24.77 -6.00
C LYS A 48 8.34 23.40 -6.68
N ASN A 49 9.53 22.92 -7.04
CA ASN A 49 9.63 21.61 -7.68
C ASN A 49 9.91 20.55 -6.64
N ARG A 50 9.19 19.44 -6.75
CA ARG A 50 9.35 18.34 -5.79
C ARG A 50 10.64 17.60 -6.06
N TYR A 51 10.92 17.34 -7.32
CA TYR A 51 12.18 16.68 -7.66
C TYR A 51 13.08 17.57 -8.50
N LEU A 52 14.38 17.40 -8.32
CA LEU A 52 15.40 18.14 -9.08
C LEU A 52 15.29 17.91 -10.58
N ASP A 53 15.19 16.65 -10.97
CA ASP A 53 15.20 16.23 -12.37
C ASP A 53 13.83 16.24 -13.05
N ILE A 54 12.74 16.42 -12.31
CA ILE A 54 11.42 16.38 -12.94
C ILE A 54 10.90 17.78 -13.24
N LEU A 55 10.92 18.14 -14.52
CA LEU A 55 10.65 19.50 -14.95
C LEU A 55 9.55 19.55 -16.00
N ALA A 56 8.80 20.64 -16.03
CA ALA A 56 7.68 20.78 -16.96
C ALA A 56 8.11 21.40 -18.30
N ASN A 57 7.76 20.76 -19.41
CA ASN A 57 8.09 21.28 -20.72
C ASN A 57 7.48 22.67 -20.91
N GLU A 58 8.26 23.57 -21.48
CA GLU A 58 7.84 24.95 -21.65
C GLU A 58 6.67 25.08 -22.61
N GLU A 59 6.77 24.34 -23.72
CA GLU A 59 5.83 24.45 -24.82
C GLU A 59 4.40 24.08 -24.45
N THR A 60 4.25 23.25 -23.41
CA THR A 60 2.94 22.71 -23.02
C THR A 60 2.67 22.99 -21.57
N ILE A 61 3.55 23.76 -20.95
CA ILE A 61 3.41 24.05 -19.53
C ILE A 61 2.01 24.56 -19.16
N TYR A 62 1.56 24.14 -17.98
CA TYR A 62 0.26 24.55 -17.48
C TYR A 62 0.40 24.85 -16.00
N PRO A 63 -0.26 25.94 -15.54
CA PRO A 63 -0.97 26.90 -16.40
C PRO A 63 0.01 27.63 -17.31
N PRO A 64 -0.47 28.13 -18.46
CA PRO A 64 0.34 28.84 -19.47
C PRO A 64 0.94 30.12 -18.89
N VAL A 65 2.14 30.49 -19.32
CA VAL A 65 2.82 31.70 -18.81
C VAL A 65 2.16 33.01 -19.25
N GLY A 74 3.64 41.23 -11.73
CA GLY A 74 3.29 40.12 -12.60
C GLY A 74 3.51 38.76 -11.94
N ARG A 75 2.41 38.13 -11.49
CA ARG A 75 2.52 36.87 -10.75
C ARG A 75 1.92 35.70 -11.53
N TYR A 76 2.76 34.70 -11.78
CA TYR A 76 2.32 33.54 -12.57
C TYR A 76 2.30 32.26 -11.71
N PRO A 77 1.11 31.80 -11.35
CA PRO A 77 0.96 30.51 -10.65
C PRO A 77 1.73 29.40 -11.36
N TYR A 78 2.43 28.57 -10.59
CA TYR A 78 3.22 27.49 -11.17
C TYR A 78 2.98 26.17 -10.44
N ILE A 79 2.73 25.08 -11.17
CA ILE A 79 2.46 23.77 -10.55
C ILE A 79 3.28 22.61 -11.10
N ASN A 80 4.31 22.93 -11.89
CA ASN A 80 5.08 21.90 -12.59
C ASN A 80 4.13 20.91 -13.28
N GLY A 81 3.28 21.45 -14.13
CA GLY A 81 2.32 20.64 -14.84
C GLY A 81 2.35 20.92 -16.32
N ASN A 82 1.72 20.01 -17.07
CA ASN A 82 1.62 20.17 -18.52
C ASN A 82 0.23 19.85 -19.01
N LEU A 83 -0.19 20.58 -20.04
CA LEU A 83 -1.44 20.28 -20.71
C LEU A 83 -1.22 19.07 -21.61
N ILE A 84 -2.08 18.07 -21.45
CA ILE A 84 -2.03 16.89 -22.29
C ILE A 84 -3.32 16.78 -23.10
N ASP A 85 -3.26 17.29 -24.32
CA ASP A 85 -4.41 17.29 -25.22
C ASP A 85 -4.13 16.30 -26.34
N LEU A 86 -4.92 15.23 -26.41
CA LEU A 86 -4.73 14.18 -27.41
C LEU A 86 -5.99 14.07 -28.26
N ASP A 87 -6.62 15.21 -28.48
CA ASP A 87 -7.89 15.30 -29.20
C ASP A 87 -8.90 14.26 -28.78
N LEU A 88 -9.26 14.25 -27.51
CA LEU A 88 -10.31 13.37 -27.02
C LEU A 88 -11.40 14.22 -26.37
N PRO A 89 -12.51 13.59 -25.96
CA PRO A 89 -13.55 14.33 -25.23
C PRO A 89 -12.93 15.15 -24.10
N HIS A 90 -11.93 14.58 -23.43
CA HIS A 90 -11.26 15.27 -22.33
C HIS A 90 -9.82 15.66 -22.65
N THR A 91 -9.39 16.79 -22.09
CA THR A 91 -7.98 17.14 -22.04
C THR A 91 -7.52 17.00 -20.58
N PHE A 92 -6.21 16.89 -20.36
CA PHE A 92 -5.69 16.60 -19.04
C PHE A 92 -4.57 17.54 -18.63
N VAL A 93 -4.43 17.74 -17.33
CA VAL A 93 -3.24 18.35 -16.77
C VAL A 93 -2.49 17.31 -15.97
N ALA A 94 -1.24 17.06 -16.37
CA ALA A 94 -0.33 16.19 -15.62
C ALA A 94 0.69 17.04 -14.87
N CYS A 95 0.77 16.81 -13.56
CA CYS A 95 1.66 17.58 -12.69
C CYS A 95 2.10 16.75 -11.47
N GLN A 96 3.15 17.23 -10.81
CA GLN A 96 3.60 16.63 -9.56
C GLN A 96 2.58 16.89 -8.44
N ALA A 97 2.84 16.32 -7.26
CA ALA A 97 2.15 16.73 -6.06
C ALA A 97 2.82 18.01 -5.56
N PRO A 98 2.02 19.06 -5.37
CA PRO A 98 2.51 20.38 -4.93
C PRO A 98 3.37 20.25 -3.68
N VAL A 99 4.51 20.92 -3.66
CA VAL A 99 5.23 21.05 -2.39
C VAL A 99 4.55 22.14 -1.56
N PRO A 100 4.81 22.16 -0.23
CA PRO A 100 4.15 23.16 0.63
C PRO A 100 4.15 24.58 0.04
N GLN A 101 5.33 25.07 -0.33
CA GLN A 101 5.48 26.42 -0.87
C GLN A 101 4.59 26.60 -2.10
N GLY A 102 4.24 25.50 -2.77
CA GLY A 102 3.47 25.56 -4.02
C GLY A 102 1.98 25.21 -3.95
N VAL A 103 1.49 24.78 -2.79
CA VAL A 103 0.07 24.47 -2.66
C VAL A 103 -0.88 25.65 -2.99
N PRO A 104 -0.57 26.86 -2.49
CA PRO A 104 -1.42 28.01 -2.87
C PRO A 104 -1.54 28.14 -4.38
N ASP A 105 -0.44 27.98 -5.11
CA ASP A 105 -0.47 28.01 -6.57
C ASP A 105 -1.33 26.88 -7.16
N PHE A 106 -1.20 25.68 -6.58
CA PHE A 106 -1.96 24.51 -7.00
C PHE A 106 -3.47 24.78 -6.81
N LEU A 107 -3.84 25.07 -5.57
CA LEU A 107 -5.22 25.39 -5.26
C LEU A 107 -5.74 26.55 -6.09
N GLU A 108 -4.91 27.58 -6.28
CA GLU A 108 -5.37 28.78 -6.99
C GLU A 108 -5.73 28.40 -8.41
N THR A 109 -4.93 27.53 -8.98
CA THR A 109 -5.12 27.13 -10.35
C THR A 109 -6.43 26.36 -10.49
N LEU A 110 -6.65 25.41 -9.59
CA LEU A 110 -7.91 24.68 -9.60
C LEU A 110 -9.10 25.65 -9.61
N SER A 111 -9.01 26.75 -8.84
CA SER A 111 -10.09 27.72 -8.79
C SER A 111 -10.11 28.58 -10.04
N GLU A 112 -8.98 29.18 -10.34
CA GLU A 112 -8.82 30.02 -11.53
C GLU A 112 -9.29 29.31 -12.81
N LYS A 113 -8.83 28.08 -13.04
CA LYS A 113 -9.19 27.34 -14.25
C LYS A 113 -10.49 26.52 -14.12
N LYS A 114 -11.12 26.61 -12.96
CA LYS A 114 -12.38 25.91 -12.72
C LYS A 114 -12.26 24.46 -13.14
N VAL A 115 -11.30 23.79 -12.51
CA VAL A 115 -11.10 22.36 -12.71
C VAL A 115 -12.10 21.62 -11.83
N ASP A 116 -12.90 20.74 -12.45
CA ASP A 116 -13.97 20.03 -11.74
C ASP A 116 -13.49 18.73 -11.11
N LEU A 117 -12.53 18.09 -11.76
CA LEU A 117 -12.00 16.83 -11.27
C LEU A 117 -10.47 16.84 -11.13
N VAL A 118 -10.01 16.39 -9.97
CA VAL A 118 -8.60 16.13 -9.71
C VAL A 118 -8.39 14.68 -9.32
N VAL A 119 -7.51 13.98 -10.04
CA VAL A 119 -7.18 12.58 -9.70
C VAL A 119 -5.76 12.46 -9.17
N MET A 120 -5.62 11.84 -7.99
CA MET A 120 -4.34 11.69 -7.30
C MET A 120 -3.96 10.21 -7.17
N LEU A 121 -2.83 9.84 -7.77
CA LEU A 121 -2.46 8.42 -7.90
C LEU A 121 -1.42 8.00 -6.88
N THR A 122 -1.30 8.80 -5.83
CA THR A 122 -0.30 8.51 -4.83
C THR A 122 -0.79 8.66 -3.39
N LYS A 123 -0.12 7.97 -2.48
CA LYS A 123 -0.24 8.24 -1.06
C LYS A 123 0.65 9.43 -0.68
N LEU A 124 0.36 10.03 0.47
CA LEU A 124 1.20 11.09 1.01
C LEU A 124 2.63 10.58 1.25
N ARG A 125 2.74 9.37 1.80
CA ARG A 125 4.01 8.65 1.97
C ARG A 125 3.84 7.14 1.79
N GLU A 126 4.78 6.53 1.06
CA GLU A 126 4.85 5.06 0.91
C GLU A 126 5.95 4.55 1.78
N GLY A 127 5.60 3.65 2.68
CA GLY A 127 6.40 3.51 3.88
C GLY A 127 6.42 4.92 4.47
N GLY A 128 7.62 5.44 4.69
CA GLY A 128 7.76 6.76 5.26
C GLY A 128 8.50 7.66 4.29
N VAL A 129 8.57 7.22 3.04
CA VAL A 129 9.09 8.06 1.97
C VAL A 129 8.06 9.12 1.60
N LEU A 130 8.46 10.38 1.71
CA LEU A 130 7.58 11.51 1.43
C LEU A 130 7.28 11.56 -0.08
N LYS A 131 6.00 11.64 -0.42
CA LYS A 131 5.59 11.58 -1.81
C LYS A 131 4.73 12.79 -2.17
N ALA A 132 3.91 13.23 -1.22
CA ALA A 132 2.94 14.28 -1.50
C ALA A 132 2.58 15.06 -0.25
N GLU A 133 1.91 16.18 -0.46
CA GLU A 133 1.56 17.07 0.63
C GLU A 133 0.04 17.16 0.67
N ARG A 134 -0.52 16.87 1.84
CA ARG A 134 -1.97 16.89 1.99
C ARG A 134 -2.55 18.30 1.82
N TYR A 135 -3.58 18.42 1.01
CA TYR A 135 -4.21 19.71 0.75
C TYR A 135 -5.71 19.62 0.95
N TRP A 136 -6.14 18.63 1.69
CA TRP A 136 -7.55 18.51 2.01
C TRP A 136 -7.73 18.40 3.53
N PRO A 137 -8.85 18.92 4.04
CA PRO A 137 -9.08 18.71 5.48
C PRO A 137 -9.19 17.20 5.82
N GLU A 138 -8.66 16.81 6.96
CA GLU A 138 -8.79 15.44 7.45
C GLU A 138 -9.72 15.42 8.66
N GLU A 139 -9.92 14.25 9.25
CA GLU A 139 -10.66 14.18 10.50
C GLU A 139 -9.77 14.77 11.58
N GLU A 140 -10.27 15.73 12.34
CA GLU A 140 -11.63 16.23 12.17
C GLU A 140 -11.58 17.73 11.95
N GLU A 141 -11.00 18.11 10.82
CA GLU A 141 -10.96 19.51 10.44
C GLU A 141 -12.00 19.76 9.36
N ASP A 142 -12.46 21.01 9.28
CA ASP A 142 -13.44 21.38 8.28
C ASP A 142 -12.77 22.30 7.28
N SER A 143 -11.64 22.86 7.72
CA SER A 143 -10.98 23.91 6.95
C SER A 143 -9.47 23.81 7.04
N LEU A 144 -8.83 24.07 5.91
CA LEU A 144 -7.39 24.08 5.80
C LEU A 144 -7.04 25.35 5.05
N SER A 145 -6.02 26.05 5.52
CA SER A 145 -5.59 27.25 4.82
C SER A 145 -4.11 27.21 4.46
N PHE A 146 -3.77 27.79 3.32
CA PHE A 146 -2.38 27.83 2.90
C PHE A 146 -2.05 29.28 2.55
N PRO A 147 -1.13 29.90 3.32
CA PRO A 147 -0.34 29.28 4.39
C PRO A 147 -0.90 29.40 5.82
N GLU A 148 -2.11 29.95 5.98
CA GLU A 148 -2.72 30.15 7.31
C GLU A 148 -2.24 31.01 8.47
N SER A 149 -1.13 31.72 8.22
CA SER A 149 -0.55 32.63 9.20
C SER A 149 -0.84 33.88 8.39
N GLY A 150 -0.38 33.91 7.15
CA GLY A 150 -0.45 35.12 6.31
C GLY A 150 -1.86 35.65 5.99
N HIS A 151 -1.91 36.92 5.63
CA HIS A 151 -3.17 37.61 5.31
C HIS A 151 -4.17 37.30 4.22
N ASP A 152 -3.73 37.39 2.96
CA ASP A 152 -4.30 36.76 1.78
C ASP A 152 -3.86 35.29 1.72
N ALA A 153 -4.77 34.39 2.09
CA ALA A 153 -4.48 32.97 2.10
C ALA A 153 -5.63 32.23 1.45
N ILE A 154 -5.35 31.05 0.91
CA ILE A 154 -6.37 30.26 0.25
C ILE A 154 -6.92 29.21 1.20
N LYS A 155 -8.25 29.12 1.27
CA LYS A 155 -8.88 28.12 2.15
C LYS A 155 -9.45 26.94 1.37
N VAL A 156 -9.31 25.76 1.98
CA VAL A 156 -9.91 24.56 1.45
C VAL A 156 -10.79 23.97 2.54
N THR A 157 -12.08 23.94 2.28
CA THR A 157 -13.03 23.43 3.25
C THR A 157 -13.75 22.23 2.64
N ARG A 158 -14.39 21.45 3.51
CA ARG A 158 -15.27 20.40 3.05
C ARG A 158 -16.49 20.98 2.37
N ASP A 159 -17.19 20.13 1.62
CA ASP A 159 -18.42 20.54 0.97
C ASP A 159 -19.59 19.74 1.54
N SER A 163 -20.37 15.17 0.71
CA SER A 163 -19.40 14.70 1.69
C SER A 163 -18.43 13.66 1.12
N TYR A 164 -17.40 13.32 1.89
CA TYR A 164 -16.43 12.27 1.54
C TYR A 164 -17.05 10.87 1.52
N GLU A 165 -16.51 9.99 0.66
CA GLU A 165 -16.76 8.55 0.77
C GLU A 165 -15.49 7.73 0.56
N VAL A 166 -15.45 6.56 1.17
CA VAL A 166 -14.30 5.67 1.09
C VAL A 166 -14.70 4.32 0.53
N ASP A 167 -14.20 3.97 -0.64
CA ASP A 167 -14.39 2.60 -1.13
C ASP A 167 -13.22 1.76 -0.69
N ALA A 168 -13.43 1.02 0.38
CA ALA A 168 -12.35 0.26 1.00
C ALA A 168 -11.77 -0.83 0.11
N GLU A 169 -12.59 -1.41 -0.75
CA GLU A 169 -12.09 -2.51 -1.58
C GLU A 169 -11.26 -2.02 -2.77
N LEU A 170 -11.67 -0.89 -3.33
CA LEU A 170 -10.95 -0.33 -4.47
C LEU A 170 -9.84 0.63 -4.04
N ASP A 171 -9.75 0.89 -2.74
CA ASP A 171 -8.75 1.83 -2.21
C ASP A 171 -8.85 3.21 -2.89
N ILE A 172 -10.08 3.70 -2.99
CA ILE A 172 -10.38 4.97 -3.64
C ILE A 172 -11.20 5.85 -2.69
N VAL A 173 -10.64 7.01 -2.35
CA VAL A 173 -11.34 8.03 -1.59
C VAL A 173 -11.85 9.14 -2.52
N ARG A 174 -13.09 9.55 -2.34
CA ARG A 174 -13.61 10.73 -3.02
C ARG A 174 -13.75 11.87 -2.00
N ARG A 175 -13.15 13.01 -2.30
CA ARG A 175 -13.21 14.18 -1.42
C ARG A 175 -13.79 15.40 -2.14
N PRO A 176 -15.09 15.66 -1.94
CA PRO A 176 -15.60 16.91 -2.49
C PRO A 176 -15.07 18.06 -1.65
N LEU A 177 -14.49 19.06 -2.31
CA LEU A 177 -13.79 20.13 -1.60
C LEU A 177 -14.28 21.47 -2.08
N VAL A 178 -14.09 22.50 -1.26
CA VAL A 178 -14.31 23.87 -1.72
C VAL A 178 -13.04 24.70 -1.52
N ILE A 179 -12.62 25.37 -2.58
CA ILE A 179 -11.46 26.25 -2.56
C ILE A 179 -11.91 27.70 -2.53
N HIS A 180 -11.41 28.46 -1.55
CA HIS A 180 -11.78 29.87 -1.42
C HIS A 180 -10.59 30.79 -1.65
N VAL A 181 -10.51 31.35 -2.85
CA VAL A 181 -9.43 32.27 -3.21
C VAL A 181 -9.88 33.70 -2.93
N PRO A 182 -9.12 34.44 -2.13
CA PRO A 182 -9.52 35.79 -1.74
C PRO A 182 -9.82 36.67 -2.96
N GLY A 183 -11.03 37.24 -3.00
CA GLY A 183 -11.43 38.12 -4.07
C GLY A 183 -12.20 37.40 -5.15
N LYS A 184 -12.41 36.10 -4.95
CA LYS A 184 -13.02 35.26 -5.96
C LYS A 184 -14.11 34.41 -5.35
N PRO A 185 -15.05 33.96 -6.19
CA PRO A 185 -16.11 33.03 -5.76
C PRO A 185 -15.56 31.65 -5.35
N MET A 186 -16.26 31.00 -4.42
CA MET A 186 -15.99 29.60 -4.09
C MET A 186 -15.88 28.79 -5.36
N HIS A 187 -15.02 27.78 -5.32
CA HIS A 187 -14.95 26.79 -6.40
C HIS A 187 -14.98 25.39 -5.82
N ARG A 188 -15.98 24.63 -6.21
CA ARG A 188 -16.02 23.25 -5.78
C ARG A 188 -15.25 22.39 -6.76
N VAL A 189 -14.60 21.37 -6.23
CA VAL A 189 -13.79 20.48 -7.03
C VAL A 189 -13.76 19.15 -6.33
N LEU A 190 -13.90 18.08 -7.11
CA LEU A 190 -13.89 16.73 -6.56
C LEU A 190 -12.51 16.10 -6.75
N GLN A 191 -11.83 15.75 -5.66
CA GLN A 191 -10.63 14.96 -5.83
C GLN A 191 -10.92 13.49 -5.60
N VAL A 192 -10.30 12.66 -6.43
CA VAL A 192 -10.35 11.22 -6.25
C VAL A 192 -8.93 10.71 -6.05
N GLN A 193 -8.67 10.08 -4.89
CA GLN A 193 -7.36 9.56 -4.58
C GLN A 193 -7.34 8.06 -4.57
N TYR A 194 -6.41 7.48 -5.33
CA TYR A 194 -6.22 6.05 -5.36
C TYR A 194 -4.91 5.73 -4.69
N VAL A 195 -4.96 4.86 -3.67
CA VAL A 195 -3.81 4.55 -2.85
C VAL A 195 -3.26 3.13 -3.02
N GLY A 196 -3.78 2.41 -4.01
CA GLY A 196 -3.31 1.06 -4.28
C GLY A 196 -2.36 1.04 -5.46
N TRP A 197 -1.65 2.16 -5.67
CA TRP A 197 -0.74 2.28 -6.80
C TRP A 197 0.61 2.84 -6.38
N PRO A 198 1.60 1.96 -6.15
CA PRO A 198 2.93 2.34 -5.65
C PRO A 198 3.74 3.05 -6.72
N ASP A 199 4.53 4.02 -6.29
CA ASP A 199 5.41 4.77 -7.16
C ASP A 199 6.28 3.80 -7.95
N HIS A 200 6.51 4.12 -9.23
CA HIS A 200 7.28 3.29 -10.13
C HIS A 200 6.64 1.93 -10.40
N GLY A 201 5.42 1.71 -9.88
CA GLY A 201 4.77 0.42 -9.98
C GLY A 201 3.47 0.41 -10.76
N VAL A 202 2.66 -0.64 -10.54
CA VAL A 202 1.42 -0.87 -11.28
C VAL A 202 0.23 -0.98 -10.32
N PRO A 203 -0.98 -0.68 -10.81
CA PRO A 203 -2.19 -0.77 -10.00
C PRO A 203 -2.32 -2.14 -9.34
N GLU A 204 -2.77 -2.15 -8.09
CA GLU A 204 -2.89 -3.37 -7.30
C GLU A 204 -4.18 -4.15 -7.54
N SER A 205 -5.04 -3.62 -8.42
CA SER A 205 -6.27 -4.30 -8.81
C SER A 205 -6.83 -3.70 -10.09
N ALA A 206 -7.19 -4.57 -11.03
CA ALA A 206 -7.76 -4.12 -12.29
C ALA A 206 -9.03 -3.30 -12.10
N ALA A 207 -9.81 -3.67 -11.08
CA ALA A 207 -11.11 -3.07 -10.83
C ALA A 207 -10.97 -1.61 -10.37
N SER A 208 -9.97 -1.35 -9.54
CA SER A 208 -9.62 0.02 -9.17
C SER A 208 -9.26 0.84 -10.42
N PHE A 209 -8.37 0.28 -11.23
CA PHE A 209 -7.91 0.97 -12.43
C PHE A 209 -9.10 1.31 -13.32
N ASP A 210 -10.00 0.35 -13.47
CA ASP A 210 -11.19 0.52 -14.29
C ASP A 210 -12.15 1.54 -13.71
N GLU A 211 -12.31 1.55 -12.39
CA GLU A 211 -13.15 2.57 -11.79
C GLU A 211 -12.59 3.95 -12.13
N LEU A 212 -11.27 4.11 -12.02
CA LEU A 212 -10.67 5.41 -12.31
C LEU A 212 -10.98 5.85 -13.73
N LEU A 213 -10.75 4.94 -14.67
CA LEU A 213 -10.99 5.24 -16.07
C LEU A 213 -12.45 5.62 -16.25
N SER A 214 -13.32 4.95 -15.52
CA SER A 214 -14.76 5.18 -15.61
C SER A 214 -15.11 6.56 -15.06
N VAL A 215 -14.50 6.91 -13.93
CA VAL A 215 -14.69 8.22 -13.35
C VAL A 215 -14.23 9.33 -14.28
N ILE A 216 -13.16 9.10 -15.02
CA ILE A 216 -12.73 10.12 -15.98
C ILE A 216 -13.70 10.25 -17.16
N LYS A 217 -14.08 9.12 -17.74
CA LYS A 217 -14.95 9.08 -18.91
C LYS A 217 -16.33 9.69 -18.63
N ASN A 218 -16.84 9.43 -17.43
CA ASN A 218 -18.18 9.87 -17.06
C ASN A 218 -18.25 11.28 -16.44
N CYS A 219 -17.13 12.00 -16.49
CA CYS A 219 -17.07 13.36 -15.97
C CYS A 219 -17.57 14.39 -16.98
N VAL A 220 -18.60 15.14 -16.64
CA VAL A 220 -18.97 16.27 -17.48
C VAL A 220 -18.22 17.51 -17.04
N THR A 221 -17.45 18.09 -17.98
CA THR A 221 -16.59 19.22 -17.69
C THR A 221 -16.05 19.89 -18.96
N THR A 222 -15.83 21.18 -18.86
CA THR A 222 -15.33 21.97 -19.97
C THR A 222 -13.91 22.41 -19.66
N SER A 223 -13.42 21.98 -18.50
CA SER A 223 -12.05 22.26 -18.09
C SER A 223 -11.24 20.97 -18.13
N PRO A 224 -9.91 21.09 -18.20
CA PRO A 224 -9.03 19.93 -18.15
C PRO A 224 -9.31 19.15 -16.91
N ILE A 225 -9.08 17.85 -16.96
CA ILE A 225 -9.10 17.02 -15.78
C ILE A 225 -7.67 16.97 -15.33
N LEU A 226 -7.43 17.34 -14.07
CA LEU A 226 -6.08 17.31 -13.55
C LEU A 226 -5.74 16.00 -12.87
N VAL A 227 -4.66 15.39 -13.36
CA VAL A 227 -4.17 14.13 -12.81
C VAL A 227 -2.74 14.35 -12.32
N HIS A 228 -2.46 13.92 -11.11
CA HIS A 228 -1.10 13.98 -10.60
C HIS A 228 -0.80 12.76 -9.81
N CYS A 229 0.49 12.55 -9.56
CA CYS A 229 0.86 11.59 -8.57
C CYS A 229 2.13 12.32 -8.20
N SER A 230 3.08 11.65 -7.55
CA SER A 230 4.15 12.31 -6.80
C SER A 230 4.96 13.22 -7.73
N ALA A 231 5.55 12.61 -8.76
CA ALA A 231 6.25 13.35 -9.80
C ALA A 231 5.30 13.73 -10.94
N GLY A 232 4.17 13.03 -11.06
CA GLY A 232 3.21 13.35 -12.11
C GLY A 232 3.61 12.87 -13.50
N ILE A 233 4.18 11.67 -13.60
CA ILE A 233 4.81 11.22 -14.83
C ILE A 233 4.56 9.72 -15.08
N GLY A 234 4.91 8.90 -14.10
CA GLY A 234 4.76 7.46 -14.26
C GLY A 234 3.32 6.99 -14.24
N ARG A 235 2.70 7.00 -13.06
CA ARG A 235 1.31 6.56 -12.94
C ARG A 235 0.42 7.52 -13.67
N THR A 236 0.83 8.78 -13.65
CA THR A 236 0.04 9.83 -14.25
C THR A 236 -0.14 9.56 -15.74
N GLY A 237 0.96 9.32 -16.44
CA GLY A 237 0.92 9.03 -17.86
C GLY A 237 0.28 7.69 -18.16
N THR A 238 0.49 6.70 -17.28
CA THR A 238 -0.12 5.38 -17.48
C THR A 238 -1.63 5.49 -17.57
N LEU A 239 -2.23 6.22 -16.62
CA LEU A 239 -3.68 6.41 -16.52
C LEU A 239 -4.26 7.16 -17.70
N ILE A 240 -3.59 8.25 -18.06
CA ILE A 240 -4.01 9.07 -19.18
C ILE A 240 -3.89 8.26 -20.47
N GLY A 241 -2.74 7.62 -20.66
CA GLY A 241 -2.56 6.68 -21.75
C GLY A 241 -3.66 5.61 -21.88
N ALA A 242 -3.98 4.92 -20.79
CA ALA A 242 -5.04 3.92 -20.82
C ALA A 242 -6.39 4.51 -21.24
N TYR A 243 -6.74 5.66 -20.67
CA TYR A 243 -7.98 6.33 -21.08
C TYR A 243 -8.03 6.57 -22.58
N ALA A 244 -6.93 7.10 -23.12
CA ALA A 244 -6.84 7.39 -24.55
C ALA A 244 -7.02 6.15 -25.44
N ALA A 245 -6.31 5.08 -25.10
CA ALA A 245 -6.40 3.88 -25.91
C ALA A 245 -7.80 3.27 -25.88
N LEU A 246 -8.46 3.29 -24.72
CA LEU A 246 -9.83 2.79 -24.63
C LEU A 246 -10.72 3.60 -25.55
N LEU A 247 -10.50 4.91 -25.55
CA LEU A 247 -11.27 5.82 -26.37
C LEU A 247 -11.13 5.41 -27.83
N HIS A 248 -9.90 5.21 -28.30
CA HIS A 248 -9.64 4.68 -29.65
C HIS A 248 -10.36 3.36 -29.95
N ILE A 249 -10.50 2.51 -28.93
CA ILE A 249 -11.25 1.28 -29.09
C ILE A 249 -12.74 1.54 -29.30
N GLU A 250 -13.33 2.37 -28.43
CA GLU A 250 -14.74 2.73 -28.54
C GLU A 250 -15.08 3.43 -29.86
N ARG A 251 -14.13 4.16 -30.41
CA ARG A 251 -14.32 4.83 -31.70
C ARG A 251 -13.94 3.96 -32.89
N GLY A 252 -13.79 2.66 -32.66
CA GLY A 252 -13.41 1.74 -33.71
C GLY A 252 -12.22 2.20 -34.55
N ILE A 253 -11.25 2.85 -33.92
CA ILE A 253 -10.07 3.31 -34.63
C ILE A 253 -8.77 2.67 -34.12
N LEU A 254 -8.89 1.60 -33.34
CA LEU A 254 -7.72 0.87 -32.86
C LEU A 254 -6.82 0.41 -34.02
N THR A 255 -5.53 0.66 -33.86
CA THR A 255 -4.51 0.37 -34.87
C THR A 255 -3.31 -0.32 -34.19
N ASP A 256 -2.47 -0.97 -34.97
CA ASP A 256 -1.33 -1.71 -34.40
C ASP A 256 -0.38 -0.82 -33.58
N SER A 257 -0.26 0.44 -33.98
CA SER A 257 0.65 1.35 -33.29
C SER A 257 -0.07 2.34 -32.37
N THR A 258 -1.32 2.03 -32.00
CA THR A 258 -2.14 2.96 -31.22
C THR A 258 -1.52 3.30 -29.86
N VAL A 259 -1.24 2.25 -29.08
CA VAL A 259 -0.59 2.40 -27.79
C VAL A 259 0.75 3.12 -27.92
N TYR A 260 1.55 2.69 -28.87
CA TYR A 260 2.86 3.28 -29.05
C TYR A 260 2.80 4.80 -29.26
N SER A 261 1.89 5.22 -30.13
CA SER A 261 1.81 6.63 -30.50
C SER A 261 1.27 7.47 -29.35
N ILE A 262 0.25 6.92 -28.68
CA ILE A 262 -0.34 7.60 -27.54
C ILE A 262 0.75 7.91 -26.54
N VAL A 263 1.61 6.93 -26.28
CA VAL A 263 2.65 7.15 -25.30
C VAL A 263 3.69 8.12 -25.84
N ALA A 264 4.05 7.99 -27.13
CA ALA A 264 5.00 8.89 -27.79
C ALA A 264 4.51 10.34 -27.73
N ALA A 265 3.23 10.54 -27.97
CA ALA A 265 2.65 11.88 -27.95
C ALA A 265 2.69 12.41 -26.53
N MET A 266 2.44 11.55 -25.55
CA MET A 266 2.51 11.96 -24.14
C MET A 266 3.92 12.39 -23.75
N LYS A 267 4.90 11.58 -24.11
CA LYS A 267 6.29 11.88 -23.75
C LYS A 267 6.76 13.19 -24.40
N GLN A 268 6.18 13.51 -25.55
CA GLN A 268 6.49 14.75 -26.26
C GLN A 268 5.93 15.97 -25.51
N LYS A 269 4.81 15.78 -24.81
CA LYS A 269 4.15 16.89 -24.15
C LYS A 269 4.66 17.13 -22.72
N ARG A 270 5.15 16.07 -22.10
CA ARG A 270 5.68 16.15 -20.75
C ARG A 270 6.73 15.05 -20.59
N PHE A 271 8.00 15.47 -20.59
CA PHE A 271 9.11 14.53 -20.51
C PHE A 271 8.95 13.47 -19.41
N GLY A 272 8.93 12.20 -19.80
CA GLY A 272 8.95 11.10 -18.85
C GLY A 272 7.64 10.34 -18.67
N MET A 273 6.57 10.88 -19.23
CA MET A 273 5.27 10.22 -19.10
C MET A 273 5.38 8.72 -19.33
N VAL A 274 5.01 7.95 -18.31
CA VAL A 274 5.19 6.49 -18.28
C VAL A 274 6.65 6.10 -18.04
N GLN A 275 6.96 5.70 -16.81
CA GLN A 275 8.35 5.56 -16.38
C GLN A 275 8.94 4.19 -16.56
N ARG A 276 8.08 3.17 -16.50
CA ARG A 276 8.58 1.79 -16.45
C ARG A 276 7.90 0.93 -17.51
N LEU A 277 8.66 -0.06 -17.96
CA LEU A 277 8.16 -1.04 -18.91
C LEU A 277 6.84 -1.60 -18.39
N GLU A 278 6.84 -1.99 -17.12
CA GLU A 278 5.67 -2.52 -16.45
C GLU A 278 4.43 -1.61 -16.56
N GLN A 279 4.66 -0.30 -16.48
CA GLN A 279 3.56 0.63 -16.60
C GLN A 279 3.06 0.67 -18.03
N TYR A 280 4.02 0.69 -18.96
CA TYR A 280 3.72 0.63 -20.39
C TYR A 280 2.84 -0.57 -20.65
N ALA A 281 3.20 -1.68 -20.04
CA ALA A 281 2.46 -2.93 -20.19
C ALA A 281 1.00 -2.80 -19.76
N VAL A 282 0.77 -2.13 -18.63
CA VAL A 282 -0.59 -1.90 -18.15
C VAL A 282 -1.49 -1.33 -19.24
N ILE A 283 -0.98 -0.35 -19.98
CA ILE A 283 -1.77 0.27 -21.06
C ILE A 283 -2.15 -0.76 -22.14
N TYR A 284 -1.19 -1.59 -22.53
CA TYR A 284 -1.47 -2.65 -23.51
C TYR A 284 -2.48 -3.62 -22.96
N MET A 285 -2.35 -3.93 -21.68
CA MET A 285 -3.20 -4.92 -21.06
C MET A 285 -4.61 -4.40 -20.89
N THR A 286 -4.75 -3.08 -20.85
CA THR A 286 -6.06 -2.48 -20.72
C THR A 286 -6.75 -2.64 -22.06
N VAL A 287 -6.00 -2.35 -23.12
CA VAL A 287 -6.45 -2.56 -24.50
C VAL A 287 -6.82 -4.01 -24.83
N LEU A 288 -5.86 -4.93 -24.62
CA LEU A 288 -6.09 -6.34 -24.86
C LEU A 288 -7.29 -6.83 -24.06
N GLY A 289 -7.36 -6.42 -22.80
CA GLY A 289 -8.43 -6.83 -21.93
C GLY A 289 -9.81 -6.43 -22.42
N ARG A 290 -9.93 -5.22 -22.96
CA ARG A 290 -11.22 -4.73 -23.45
C ARG A 290 -11.61 -5.41 -24.75
N LEU A 291 -10.65 -6.04 -25.41
CA LEU A 291 -10.91 -6.78 -26.63
C LEU A 291 -11.15 -8.25 -26.30
N GLY A 292 -11.35 -8.55 -25.02
CA GLY A 292 -11.58 -9.92 -24.58
C GLY A 292 -10.41 -10.86 -24.75
N VAL A 293 -9.19 -10.33 -24.76
CA VAL A 293 -7.98 -11.18 -24.76
C VAL A 293 -7.61 -11.60 -23.33
N ASP A 294 -7.11 -12.83 -23.17
CA ASP A 294 -6.72 -13.31 -21.84
C ASP A 294 -5.39 -12.71 -21.41
N ILE A 295 -5.40 -12.11 -20.23
CA ILE A 295 -4.28 -11.30 -19.75
C ILE A 295 -3.30 -12.11 -18.89
N SER A 296 -3.84 -13.08 -18.16
CA SER A 296 -3.06 -13.93 -17.27
C SER A 296 -1.67 -14.19 -17.81
N GLY A 297 -1.62 -14.65 -19.06
CA GLY A 297 -0.38 -15.01 -19.71
C GLY A 297 0.76 -14.02 -19.54
N LEU A 298 0.46 -12.73 -19.58
CA LEU A 298 1.53 -11.75 -19.45
C LEU A 298 1.50 -10.98 -18.12
N VAL A 299 0.32 -10.87 -17.50
CA VAL A 299 0.26 -10.19 -16.21
C VAL A 299 1.30 -10.77 -15.27
N SER A 300 1.54 -12.07 -15.40
CA SER A 300 2.61 -12.71 -14.64
C SER A 300 3.88 -12.09 -15.17
N THR A 301 4.07 -10.82 -14.81
CA THR A 301 5.29 -10.04 -15.00
C THR A 301 6.31 -10.70 -15.92
N MET B 1 4.85 -1.72 38.00
CA MET B 1 4.91 -1.11 36.67
C MET B 1 6.27 -0.43 36.42
N SER B 2 7.02 -0.96 35.46
CA SER B 2 8.40 -0.51 35.24
C SER B 2 8.49 0.92 34.68
N THR B 3 9.64 1.56 34.87
CA THR B 3 9.87 2.90 34.35
C THR B 3 11.15 2.96 33.54
N ALA B 4 11.44 4.14 32.99
CA ALA B 4 12.68 4.38 32.23
C ALA B 4 13.94 4.11 33.05
N LYS B 5 13.78 4.23 34.37
CA LYS B 5 14.88 3.93 35.29
C LYS B 5 15.29 2.48 35.12
N SER B 6 14.37 1.66 34.61
CA SER B 6 14.66 0.24 34.37
C SER B 6 15.10 -0.03 32.92
N PHE B 7 15.32 1.01 32.13
CA PHE B 7 15.56 0.83 30.71
C PHE B 7 16.62 1.77 30.15
N PRO B 8 17.89 1.47 30.43
CA PRO B 8 19.04 2.33 30.07
C PRO B 8 19.00 2.82 28.61
N MET B 9 18.43 2.03 27.71
CA MET B 9 18.28 2.46 26.33
C MET B 9 17.60 3.83 26.25
N ALA B 10 16.77 4.13 27.25
CA ALA B 10 16.01 5.38 27.29
C ALA B 10 16.88 6.64 27.44
N GLN B 11 18.04 6.52 28.07
CA GLN B 11 18.89 7.67 28.32
C GLN B 11 20.07 7.81 27.33
N LEU B 12 20.11 6.94 26.32
CA LEU B 12 21.20 6.91 25.37
C LEU B 12 21.01 7.95 24.26
N SER B 13 22.11 8.50 23.75
CA SER B 13 22.03 9.25 22.50
C SER B 13 21.40 8.44 21.36
N THR B 14 20.77 9.13 20.43
CA THR B 14 20.16 8.48 19.29
C THR B 14 21.16 7.58 18.55
N ARG B 15 22.39 8.05 18.40
CA ARG B 15 23.43 7.28 17.71
C ARG B 15 23.82 6.02 18.48
N ALA B 16 23.84 6.11 19.81
CA ALA B 16 24.14 4.96 20.64
C ALA B 16 23.00 3.95 20.65
N GLN B 17 21.76 4.45 20.63
CA GLN B 17 20.58 3.57 20.63
C GLN B 17 20.61 2.71 19.38
N TYR B 18 20.81 3.37 18.25
CA TYR B 18 20.85 2.70 16.97
C TYR B 18 22.02 1.74 16.88
N SER B 19 23.16 2.16 17.40
CA SER B 19 24.37 1.35 17.34
C SER B 19 24.18 0.08 18.15
N ARG B 20 23.59 0.24 19.33
CA ARG B 20 23.28 -0.91 20.18
C ARG B 20 22.28 -1.85 19.51
N MET B 21 21.20 -1.29 18.98
CA MET B 21 20.20 -2.09 18.28
C MET B 21 20.83 -2.84 17.11
N GLN B 22 21.70 -2.18 16.36
CA GLN B 22 22.29 -2.83 15.18
C GLN B 22 23.20 -4.00 15.57
N ARG B 23 24.01 -3.82 16.61
CA ARG B 23 24.85 -4.89 17.14
C ARG B 23 23.99 -6.03 17.66
N GLU B 24 22.93 -5.70 18.39
CA GLU B 24 22.06 -6.73 18.96
C GLU B 24 21.40 -7.60 17.90
N PHE B 25 20.90 -6.95 16.87
CA PHE B 25 20.14 -7.66 15.84
C PHE B 25 21.03 -8.58 15.03
N VAL B 26 22.26 -8.12 14.75
CA VAL B 26 23.22 -8.94 14.06
C VAL B 26 23.44 -10.21 14.89
N GLN B 27 23.59 -10.04 16.20
CA GLN B 27 23.71 -11.20 17.08
C GLN B 27 22.46 -12.08 17.01
N LEU B 28 21.28 -11.49 17.02
CA LEU B 28 20.07 -12.29 16.98
C LEU B 28 19.93 -13.01 15.65
N GLN B 29 20.37 -12.38 14.58
CA GLN B 29 20.28 -12.97 13.24
C GLN B 29 21.14 -14.24 13.09
N ARG B 30 22.20 -14.35 13.87
CA ARG B 30 23.03 -15.53 13.80
C ARG B 30 22.83 -16.47 15.00
N GLN B 31 21.87 -16.16 15.87
CA GLN B 31 21.63 -17.02 17.01
C GLN B 31 21.27 -18.45 16.58
N GLU B 32 20.47 -18.54 15.52
CA GLU B 32 20.01 -19.82 15.02
C GLU B 32 20.81 -20.23 13.78
N ASN B 33 21.19 -21.51 13.71
CA ASN B 33 21.77 -22.06 12.49
C ASN B 33 20.74 -22.94 11.76
N PRO B 34 20.31 -22.52 10.57
CA PRO B 34 19.16 -23.14 9.91
C PRO B 34 19.46 -24.56 9.46
N ARG B 35 20.71 -24.84 9.14
CA ARG B 35 21.08 -26.17 8.68
C ARG B 35 20.97 -27.18 9.84
N ASN B 36 20.90 -26.66 11.05
CA ASN B 36 20.87 -27.51 12.24
C ASN B 36 19.47 -27.57 12.83
N ILE B 37 18.48 -27.30 12.00
CA ILE B 37 17.12 -27.23 12.47
C ILE B 37 16.23 -28.17 11.70
N ASN B 38 15.39 -28.88 12.42
CA ASN B 38 14.51 -29.86 11.81
C ASN B 38 13.30 -29.17 11.19
N PHE B 39 13.15 -29.30 9.87
CA PHE B 39 11.99 -28.76 9.16
C PHE B 39 11.23 -29.87 8.42
N THR B 40 11.36 -31.09 8.90
CA THR B 40 10.81 -32.27 8.25
C THR B 40 9.40 -32.10 7.68
N THR B 41 8.42 -31.91 8.56
CA THR B 41 7.02 -31.79 8.15
C THR B 41 6.88 -30.65 7.16
N SER B 42 7.52 -29.54 7.47
CA SER B 42 7.39 -28.37 6.63
C SER B 42 7.86 -28.74 5.23
N LEU B 43 8.93 -29.53 5.16
CA LEU B 43 9.51 -29.91 3.87
C LEU B 43 8.64 -30.91 3.11
N LYS B 44 7.87 -31.71 3.84
CA LYS B 44 6.95 -32.65 3.19
C LYS B 44 5.74 -31.95 2.54
N ASN B 45 5.52 -30.68 2.89
CA ASN B 45 4.37 -29.95 2.37
C ASN B 45 4.75 -28.77 1.46
N ARG B 46 5.88 -28.88 0.77
CA ARG B 46 6.38 -27.83 -0.13
C ARG B 46 5.27 -27.18 -0.94
N HIS B 47 4.32 -27.98 -1.40
CA HIS B 47 3.22 -27.51 -2.26
C HIS B 47 2.22 -26.59 -1.55
N LYS B 48 2.32 -26.48 -0.23
CA LYS B 48 1.49 -25.55 0.53
C LYS B 48 2.35 -24.46 1.16
N ASN B 49 3.61 -24.41 0.77
CA ASN B 49 4.49 -23.36 1.23
C ASN B 49 4.47 -22.18 0.27
N ARG B 50 4.29 -20.98 0.81
CA ARG B 50 4.31 -19.77 -0.02
C ARG B 50 5.73 -19.49 -0.51
N TYR B 51 6.70 -19.67 0.37
CA TYR B 51 8.09 -19.39 0.01
C TYR B 51 8.93 -20.64 0.20
N LEU B 52 9.74 -20.93 -0.82
CA LEU B 52 10.63 -22.08 -0.84
C LEU B 52 11.45 -22.26 0.44
N ASP B 53 12.03 -21.18 0.94
CA ASP B 53 12.97 -21.29 2.05
C ASP B 53 12.45 -20.76 3.41
N ILE B 54 11.16 -20.45 3.48
CA ILE B 54 10.56 -20.08 4.74
C ILE B 54 9.78 -21.28 5.29
N LEU B 55 10.32 -21.89 6.34
CA LEU B 55 9.78 -23.15 6.85
C LEU B 55 9.46 -23.13 8.36
N ALA B 56 8.50 -23.96 8.77
CA ALA B 56 8.10 -24.03 10.17
C ALA B 56 8.90 -25.07 10.98
N ASN B 57 9.64 -24.61 11.98
CA ASN B 57 10.33 -25.50 12.92
C ASN B 57 9.50 -26.69 13.40
N GLU B 58 10.09 -27.88 13.45
CA GLU B 58 9.37 -29.07 13.90
C GLU B 58 8.80 -28.96 15.31
N GLU B 59 9.67 -28.68 16.27
CA GLU B 59 9.32 -28.73 17.69
C GLU B 59 8.03 -28.00 18.02
N THR B 60 7.86 -26.83 17.39
CA THR B 60 6.77 -25.91 17.74
C THR B 60 5.77 -25.76 16.61
N ILE B 61 5.74 -26.74 15.71
CA ILE B 61 4.87 -26.61 14.57
C ILE B 61 3.41 -26.59 15.03
N TYR B 62 2.60 -25.80 14.35
CA TYR B 62 1.19 -25.69 14.65
C TYR B 62 0.44 -25.73 13.34
N PRO B 63 -0.65 -26.51 13.27
CA PRO B 63 -1.13 -27.38 14.36
C PRO B 63 -0.15 -28.52 14.62
N PRO B 64 -0.16 -29.05 15.85
CA PRO B 64 0.70 -30.20 16.19
C PRO B 64 0.39 -31.35 15.25
N VAL B 65 1.41 -32.06 14.78
CA VAL B 65 1.14 -33.24 13.98
C VAL B 65 0.86 -34.42 14.90
N LEU B 66 -0.43 -34.74 15.01
CA LEU B 66 -0.93 -35.74 15.96
C LEU B 66 -2.21 -36.40 15.44
N TYR B 76 -3.63 -34.67 8.13
CA TYR B 76 -3.38 -33.63 9.12
C TYR B 76 -3.17 -32.24 8.47
N PRO B 77 -3.83 -31.22 9.01
CA PRO B 77 -3.78 -29.88 8.40
C PRO B 77 -2.40 -29.24 8.58
N TYR B 78 -1.96 -28.49 7.57
CA TYR B 78 -0.65 -27.84 7.63
C TYR B 78 -0.79 -26.41 7.15
N ILE B 79 -0.14 -25.48 7.85
CA ILE B 79 -0.30 -24.06 7.53
C ILE B 79 1.04 -23.31 7.55
N ASN B 80 2.13 -24.05 7.71
CA ASN B 80 3.44 -23.40 7.88
C ASN B 80 3.34 -22.40 9.03
N GLY B 81 2.96 -22.92 10.19
CA GLY B 81 2.82 -22.10 11.39
C GLY B 81 3.57 -22.68 12.56
N ASN B 82 3.80 -21.85 13.58
CA ASN B 82 4.42 -22.27 14.83
C ASN B 82 3.74 -21.67 16.05
N LEU B 83 3.69 -22.43 17.14
CA LEU B 83 3.19 -21.93 18.42
C LEU B 83 4.19 -20.99 19.08
N ILE B 84 3.75 -19.76 19.39
CA ILE B 84 4.59 -18.81 20.10
C ILE B 84 4.02 -18.59 21.50
N ASP B 85 4.54 -19.34 22.45
CA ASP B 85 4.09 -19.27 23.83
C ASP B 85 5.20 -18.67 24.67
N LEU B 86 5.02 -17.42 25.06
CA LEU B 86 6.05 -16.66 25.75
C LEU B 86 5.68 -16.47 27.21
N ASP B 87 4.78 -17.31 27.71
CA ASP B 87 4.32 -17.23 29.09
C ASP B 87 3.59 -15.92 29.34
N LEU B 88 2.63 -15.62 28.47
CA LEU B 88 1.85 -14.41 28.59
C LEU B 88 0.38 -14.84 28.69
N PRO B 89 -0.52 -13.91 29.04
CA PRO B 89 -1.96 -14.22 29.07
C PRO B 89 -2.47 -14.78 27.73
N HIS B 90 -1.93 -14.27 26.63
CA HIS B 90 -2.28 -14.83 25.34
C HIS B 90 -1.10 -15.67 24.83
N THR B 91 -1.41 -16.72 24.10
CA THR B 91 -0.40 -17.37 23.28
C THR B 91 -0.69 -17.14 21.80
N PHE B 92 0.30 -17.39 20.95
CA PHE B 92 0.16 -17.07 19.53
C PHE B 92 0.53 -18.20 18.57
N VAL B 93 -0.02 -18.09 17.36
CA VAL B 93 0.41 -18.89 16.24
C VAL B 93 0.95 -17.95 15.17
N ALA B 94 2.20 -18.18 14.75
CA ALA B 94 2.78 -17.37 13.67
C ALA B 94 2.90 -18.21 12.40
N CYS B 95 2.21 -17.76 11.35
CA CYS B 95 2.17 -18.51 10.09
C CYS B 95 2.13 -17.59 8.88
N GLN B 96 2.39 -18.20 7.73
CA GLN B 96 2.32 -17.53 6.43
C GLN B 96 0.87 -17.25 6.01
N ALA B 97 0.67 -16.42 4.99
CA ALA B 97 -0.64 -16.38 4.35
C ALA B 97 -0.81 -17.65 3.50
N PRO B 98 -1.89 -18.41 3.74
CA PRO B 98 -2.10 -19.69 3.03
C PRO B 98 -2.17 -19.49 1.51
N VAL B 99 -1.45 -20.35 0.79
CA VAL B 99 -1.55 -20.42 -0.66
C VAL B 99 -2.85 -21.14 -0.97
N PRO B 100 -3.35 -21.01 -2.22
CA PRO B 100 -4.70 -21.51 -2.54
C PRO B 100 -4.90 -22.97 -2.14
N GLN B 101 -3.92 -23.82 -2.40
CA GLN B 101 -4.06 -25.23 -2.04
C GLN B 101 -4.11 -25.44 -0.53
N GLY B 102 -3.54 -24.49 0.22
CA GLY B 102 -3.44 -24.62 1.66
C GLY B 102 -4.56 -23.95 2.43
N VAL B 103 -5.45 -23.28 1.70
CA VAL B 103 -6.54 -22.50 2.31
C VAL B 103 -7.53 -23.36 3.12
N PRO B 104 -7.93 -24.52 2.56
CA PRO B 104 -8.80 -25.42 3.36
C PRO B 104 -8.17 -25.81 4.70
N ASP B 105 -6.91 -26.23 4.69
CA ASP B 105 -6.17 -26.51 5.92
C ASP B 105 -6.18 -25.33 6.86
N PHE B 106 -6.04 -24.14 6.30
CA PHE B 106 -6.03 -22.93 7.09
C PHE B 106 -7.39 -22.74 7.78
N LEU B 107 -8.45 -22.66 6.99
CA LEU B 107 -9.80 -22.48 7.52
C LEU B 107 -10.17 -23.58 8.51
N GLU B 108 -9.83 -24.81 8.12
CA GLU B 108 -10.16 -25.96 8.92
C GLU B 108 -9.53 -25.81 10.30
N THR B 109 -8.26 -25.41 10.31
CA THR B 109 -7.52 -25.30 11.54
C THR B 109 -8.17 -24.28 12.48
N LEU B 110 -8.57 -23.14 11.91
CA LEU B 110 -9.25 -22.10 12.68
C LEU B 110 -10.48 -22.67 13.39
N SER B 111 -11.23 -23.53 12.71
CA SER B 111 -12.41 -24.14 13.34
C SER B 111 -12.02 -25.18 14.38
N GLU B 112 -11.26 -26.18 13.94
CA GLU B 112 -10.78 -27.23 14.83
C GLU B 112 -10.26 -26.67 16.14
N LYS B 113 -9.40 -25.67 16.04
CA LYS B 113 -8.71 -25.16 17.21
C LYS B 113 -9.46 -24.01 17.89
N LYS B 114 -10.57 -23.60 17.28
CA LYS B 114 -11.45 -22.59 17.89
C LYS B 114 -10.70 -21.29 18.14
N VAL B 115 -9.97 -20.85 17.12
CA VAL B 115 -9.28 -19.57 17.13
C VAL B 115 -10.32 -18.45 17.03
N ASP B 116 -10.25 -17.46 17.91
CA ASP B 116 -11.24 -16.37 17.91
C ASP B 116 -10.74 -15.14 17.13
N LEU B 117 -9.44 -15.00 17.04
CA LEU B 117 -8.88 -13.81 16.43
C LEU B 117 -7.75 -14.17 15.46
N VAL B 118 -7.91 -13.71 14.22
CA VAL B 118 -6.85 -13.74 13.23
C VAL B 118 -6.43 -12.31 12.95
N VAL B 119 -5.13 -12.04 13.04
CA VAL B 119 -4.57 -10.74 12.62
C VAL B 119 -3.74 -10.89 11.35
N MET B 120 -4.11 -10.12 10.32
CA MET B 120 -3.41 -10.16 9.03
C MET B 120 -2.66 -8.85 8.79
N LEU B 121 -1.33 -8.94 8.75
CA LEU B 121 -0.48 -7.75 8.69
C LEU B 121 0.04 -7.47 7.27
N THR B 122 -0.61 -8.06 6.27
CA THR B 122 -0.22 -7.84 4.90
C THR B 122 -1.38 -7.54 3.97
N LYS B 123 -1.07 -6.83 2.91
CA LYS B 123 -1.93 -6.76 1.73
C LYS B 123 -1.94 -8.04 0.87
N LEU B 124 -2.92 -8.13 -0.03
CA LEU B 124 -2.97 -9.24 -0.97
C LEU B 124 -1.83 -9.10 -1.96
N ARG B 125 -1.60 -7.87 -2.41
CA ARG B 125 -0.43 -7.58 -3.21
C ARG B 125 0.13 -6.19 -2.97
N GLU B 126 1.44 -6.07 -3.08
CA GLU B 126 2.09 -4.76 -3.14
C GLU B 126 2.54 -4.54 -4.58
N GLY B 127 1.84 -3.65 -5.27
CA GLY B 127 2.07 -3.47 -6.70
C GLY B 127 1.80 -4.76 -7.46
N GLY B 128 2.75 -5.16 -8.31
CA GLY B 128 2.62 -6.39 -9.05
C GLY B 128 2.93 -7.64 -8.25
N VAL B 129 3.60 -7.47 -7.10
CA VAL B 129 4.01 -8.61 -6.30
C VAL B 129 2.88 -9.22 -5.50
N LEU B 130 2.74 -10.54 -5.65
CA LEU B 130 1.69 -11.29 -4.95
C LEU B 130 2.15 -11.59 -3.52
N LYS B 131 1.27 -11.39 -2.56
CA LYS B 131 1.66 -11.52 -1.16
C LYS B 131 0.79 -12.51 -0.40
N ALA B 132 -0.49 -12.57 -0.78
CA ALA B 132 -1.46 -13.37 -0.02
C ALA B 132 -2.69 -13.71 -0.84
N GLU B 133 -3.40 -14.73 -0.40
CA GLU B 133 -4.62 -15.17 -1.06
C GLU B 133 -5.84 -14.89 -0.18
N ARG B 134 -6.81 -14.19 -0.74
CA ARG B 134 -8.05 -13.86 -0.07
C ARG B 134 -8.85 -15.10 0.42
N TYR B 135 -9.29 -15.07 1.67
CA TYR B 135 -10.11 -16.16 2.19
C TYR B 135 -11.35 -15.61 2.90
N TRP B 136 -11.72 -14.38 2.57
CA TRP B 136 -12.96 -13.82 3.05
C TRP B 136 -13.83 -13.43 1.88
N PRO B 137 -15.16 -13.49 2.06
CA PRO B 137 -16.13 -12.97 1.09
C PRO B 137 -15.89 -11.49 0.92
N GLU B 138 -16.15 -10.99 -0.28
CA GLU B 138 -15.99 -9.61 -0.61
C GLU B 138 -17.17 -9.12 -1.42
N GLU B 139 -17.34 -7.82 -1.55
CA GLU B 139 -18.43 -7.29 -2.34
C GLU B 139 -19.72 -8.10 -2.18
N GLU B 141 -19.89 -10.96 -2.72
CA GLU B 141 -19.91 -12.34 -2.35
C GLU B 141 -20.33 -12.31 -0.92
N ASP B 142 -21.23 -13.17 -0.53
CA ASP B 142 -21.54 -13.24 0.87
C ASP B 142 -21.06 -14.59 1.29
N SER B 143 -20.27 -15.21 0.44
CA SER B 143 -19.97 -16.63 0.63
C SER B 143 -18.77 -17.10 -0.22
N LEU B 144 -17.86 -17.85 0.40
CA LEU B 144 -16.70 -18.43 -0.30
C LEU B 144 -16.52 -19.90 0.04
N SER B 145 -16.06 -20.68 -0.92
CA SER B 145 -15.87 -22.12 -0.72
C SER B 145 -14.51 -22.61 -1.23
N PHE B 146 -13.91 -23.52 -0.48
CA PHE B 146 -12.62 -24.08 -0.85
C PHE B 146 -12.64 -25.60 -0.70
N ASP B 152 -17.32 -32.01 1.46
CA ASP B 152 -15.87 -32.01 1.36
C ASP B 152 -15.28 -30.59 1.38
N ALA B 153 -16.08 -29.60 1.00
CA ALA B 153 -15.58 -28.23 0.83
C ALA B 153 -15.92 -27.31 2.00
N ILE B 154 -14.89 -26.63 2.51
CA ILE B 154 -15.07 -25.75 3.65
C ILE B 154 -15.62 -24.40 3.23
N LYS B 155 -16.53 -23.86 4.05
CA LYS B 155 -17.28 -22.67 3.67
C LYS B 155 -17.00 -21.48 4.58
N VAL B 156 -16.90 -20.29 3.99
CA VAL B 156 -16.72 -19.08 4.78
C VAL B 156 -17.77 -18.07 4.39
N THR B 157 -18.49 -17.55 5.37
CA THR B 157 -19.53 -16.56 5.14
C THR B 157 -19.33 -15.38 6.06
N ARG B 158 -20.04 -14.30 5.77
CA ARG B 158 -20.14 -13.17 6.68
C ARG B 158 -20.91 -13.59 7.91
N ASP B 159 -20.90 -12.74 8.92
CA ASP B 159 -21.57 -13.04 10.15
C ASP B 159 -22.71 -12.04 10.32
N ALA B 160 -23.94 -12.56 10.34
CA ALA B 160 -25.13 -11.70 10.37
C ALA B 160 -25.20 -10.98 11.70
N GLU B 161 -24.46 -11.49 12.66
CA GLU B 161 -24.33 -10.87 13.97
C GLU B 161 -23.44 -9.65 13.96
N ALA B 162 -22.74 -9.40 12.85
CA ALA B 162 -21.77 -8.30 12.80
C ALA B 162 -21.34 -8.18 11.33
N SER B 163 -21.26 -6.95 10.85
CA SER B 163 -20.71 -6.69 9.52
C SER B 163 -19.23 -6.35 9.55
N TYR B 164 -18.64 -6.38 8.36
CA TYR B 164 -17.31 -5.84 8.14
C TYR B 164 -17.29 -4.39 8.62
N GLU B 165 -16.12 -3.91 8.96
CA GLU B 165 -15.99 -2.56 9.46
C GLU B 165 -14.65 -1.96 9.05
N VAL B 166 -14.72 -0.91 8.24
CA VAL B 166 -13.55 -0.23 7.74
C VAL B 166 -13.16 0.96 8.61
N ASP B 167 -11.91 1.01 9.04
CA ASP B 167 -11.40 2.20 9.70
C ASP B 167 -10.42 2.89 8.77
N ALA B 168 -10.96 3.80 7.97
CA ALA B 168 -10.21 4.37 6.85
C ALA B 168 -9.05 5.18 7.36
N GLU B 169 -9.19 5.74 8.55
CA GLU B 169 -8.09 6.50 9.15
C GLU B 169 -6.92 5.62 9.61
N LEU B 170 -7.15 4.35 9.93
CA LEU B 170 -6.07 3.50 10.44
C LEU B 170 -5.65 2.43 9.45
N ASP B 171 -6.33 2.35 8.31
CA ASP B 171 -6.04 1.29 7.35
C ASP B 171 -6.27 -0.09 7.91
N ILE B 172 -7.31 -0.22 8.72
CA ILE B 172 -7.66 -1.48 9.35
C ILE B 172 -9.10 -1.87 8.99
N VAL B 173 -9.27 -3.12 8.58
CA VAL B 173 -10.59 -3.64 8.26
C VAL B 173 -10.86 -4.81 9.18
N ARG B 174 -12.03 -4.78 9.81
CA ARG B 174 -12.46 -5.85 10.70
C ARG B 174 -13.49 -6.69 9.96
N ARG B 175 -13.25 -8.00 9.90
CA ARG B 175 -14.12 -8.89 9.16
C ARG B 175 -14.60 -10.03 10.06
N PRO B 176 -15.80 -9.89 10.61
CA PRO B 176 -16.40 -11.00 11.35
C PRO B 176 -16.79 -12.12 10.38
N LEU B 177 -16.27 -13.32 10.60
CA LEU B 177 -16.52 -14.39 9.65
C LEU B 177 -17.06 -15.60 10.37
N VAL B 178 -17.69 -16.48 9.59
CA VAL B 178 -18.14 -17.79 10.07
C VAL B 178 -17.57 -18.91 9.18
N ILE B 179 -16.99 -19.91 9.79
CA ILE B 179 -16.36 -20.98 9.05
C ILE B 179 -17.15 -22.28 9.21
N HIS B 180 -17.48 -22.89 8.08
CA HIS B 180 -18.30 -24.10 8.09
C HIS B 180 -17.50 -25.28 7.55
N VAL B 181 -16.95 -26.05 8.47
CA VAL B 181 -16.33 -27.29 8.08
C VAL B 181 -17.43 -28.35 8.00
N PRO B 182 -17.39 -29.16 6.94
CA PRO B 182 -18.33 -30.27 6.80
C PRO B 182 -18.26 -31.20 8.02
N GLY B 183 -19.39 -31.43 8.67
CA GLY B 183 -19.44 -32.36 9.79
C GLY B 183 -19.11 -31.70 11.10
N LYS B 184 -18.92 -30.39 11.09
CA LYS B 184 -18.62 -29.67 12.32
C LYS B 184 -19.57 -28.48 12.54
N PRO B 185 -19.80 -28.12 13.81
CA PRO B 185 -20.54 -26.91 14.18
C PRO B 185 -19.86 -25.68 13.61
N MET B 186 -20.65 -24.73 13.13
CA MET B 186 -20.09 -23.50 12.62
C MET B 186 -19.24 -22.83 13.70
N HIS B 187 -18.25 -22.03 13.26
CA HIS B 187 -17.34 -21.38 14.19
C HIS B 187 -17.08 -19.93 13.80
N ARG B 188 -17.37 -19.02 14.73
CA ARG B 188 -17.10 -17.60 14.51
C ARG B 188 -15.64 -17.24 14.79
N VAL B 189 -15.06 -16.46 13.88
CA VAL B 189 -13.72 -15.93 14.07
C VAL B 189 -13.67 -14.52 13.51
N LEU B 190 -13.00 -13.63 14.23
CA LEU B 190 -12.84 -12.27 13.74
C LEU B 190 -11.48 -12.18 13.09
N GLN B 191 -11.43 -11.66 11.87
CA GLN B 191 -10.13 -11.32 11.32
C GLN B 191 -9.99 -9.82 11.28
N VAL B 192 -8.81 -9.35 11.69
CA VAL B 192 -8.46 -7.94 11.61
C VAL B 192 -7.29 -7.77 10.62
N GLN B 193 -7.52 -7.02 9.54
CA GLN B 193 -6.47 -6.86 8.55
C GLN B 193 -5.94 -5.43 8.52
N TYR B 194 -4.64 -5.29 8.77
CA TYR B 194 -3.94 -4.00 8.62
C TYR B 194 -3.22 -3.98 7.28
N VAL B 195 -3.47 -2.94 6.49
CA VAL B 195 -2.93 -2.84 5.14
C VAL B 195 -1.85 -1.75 4.98
N GLY B 196 -1.45 -1.11 6.09
CA GLY B 196 -0.42 -0.10 6.08
C GLY B 196 0.94 -0.55 6.62
N TRP B 197 1.25 -1.82 6.47
CA TRP B 197 2.54 -2.37 6.91
C TRP B 197 3.19 -3.11 5.75
N PRO B 198 4.10 -2.43 5.03
CA PRO B 198 4.79 -2.99 3.89
C PRO B 198 5.67 -4.18 4.30
N ASP B 199 5.72 -5.20 3.44
CA ASP B 199 6.62 -6.31 3.68
C ASP B 199 8.05 -5.78 3.91
N HIS B 200 8.75 -6.37 4.86
CA HIS B 200 10.11 -5.97 5.19
C HIS B 200 10.19 -4.59 5.81
N GLY B 201 9.04 -3.94 6.01
CA GLY B 201 9.03 -2.60 6.56
C GLY B 201 8.46 -2.45 7.97
N VAL B 202 8.02 -1.23 8.27
CA VAL B 202 7.49 -0.86 9.57
C VAL B 202 6.08 -0.30 9.36
N PRO B 203 5.21 -0.35 10.39
CA PRO B 203 3.87 0.25 10.26
C PRO B 203 3.94 1.70 9.71
N GLU B 204 3.03 2.07 8.81
CA GLU B 204 2.96 3.45 8.33
C GLU B 204 2.42 4.38 9.42
N SER B 205 1.93 3.79 10.51
CA SER B 205 1.26 4.55 11.54
C SER B 205 1.37 3.91 12.93
N ALA B 206 1.89 4.67 13.87
CA ALA B 206 1.95 4.19 15.24
C ALA B 206 0.56 3.99 15.80
N ALA B 207 -0.40 4.80 15.38
CA ALA B 207 -1.74 4.70 15.94
C ALA B 207 -2.36 3.38 15.50
N SER B 208 -2.08 3.00 14.25
CA SER B 208 -2.52 1.71 13.72
C SER B 208 -1.93 0.54 14.49
N PHE B 209 -0.61 0.57 14.66
CA PHE B 209 0.10 -0.45 15.43
C PHE B 209 -0.51 -0.56 16.82
N ASP B 210 -0.72 0.61 17.45
CA ASP B 210 -1.31 0.65 18.79
C ASP B 210 -2.67 -0.02 18.83
N GLU B 211 -3.48 0.24 17.82
CA GLU B 211 -4.80 -0.37 17.73
C GLU B 211 -4.71 -1.91 17.65
N LEU B 212 -3.79 -2.44 16.86
CA LEU B 212 -3.61 -3.90 16.82
C LEU B 212 -3.22 -4.43 18.18
N LEU B 213 -2.30 -3.75 18.85
CA LEU B 213 -1.91 -4.15 20.18
C LEU B 213 -3.08 -4.19 21.17
N SER B 214 -4.02 -3.23 21.04
CA SER B 214 -5.22 -3.22 21.89
C SER B 214 -6.15 -4.36 21.55
N VAL B 215 -6.41 -4.54 20.27
CA VAL B 215 -7.23 -5.63 19.77
C VAL B 215 -6.75 -6.96 20.34
N ILE B 216 -5.42 -7.12 20.43
CA ILE B 216 -4.87 -8.36 20.99
C ILE B 216 -5.05 -8.39 22.50
N LYS B 217 -4.77 -7.27 23.15
CA LYS B 217 -4.80 -7.22 24.61
C LYS B 217 -6.21 -7.46 25.16
N ASN B 218 -7.19 -6.91 24.46
CA ASN B 218 -8.59 -6.97 24.87
C ASN B 218 -9.37 -8.15 24.32
N CYS B 219 -8.75 -8.97 23.48
CA CYS B 219 -9.40 -10.18 23.04
C CYS B 219 -9.61 -11.10 24.25
N VAL B 220 -10.82 -11.61 24.40
CA VAL B 220 -11.05 -12.62 25.43
C VAL B 220 -11.17 -13.98 24.74
N THR B 221 -10.25 -14.88 25.03
CA THR B 221 -10.14 -16.12 24.31
C THR B 221 -9.35 -17.13 25.12
N THR B 222 -9.68 -18.40 24.95
CA THR B 222 -8.95 -19.49 25.58
C THR B 222 -8.01 -20.20 24.59
N SER B 223 -8.07 -19.80 23.32
CA SER B 223 -7.23 -20.36 22.25
C SER B 223 -6.10 -19.41 21.77
N PRO B 224 -5.06 -19.98 21.15
CA PRO B 224 -4.01 -19.13 20.58
C PRO B 224 -4.59 -18.06 19.67
N ILE B 225 -4.01 -16.86 19.72
CA ILE B 225 -4.37 -15.85 18.74
C ILE B 225 -3.49 -16.04 17.49
N LEU B 226 -4.11 -16.14 16.32
CA LEU B 226 -3.31 -16.37 15.10
C LEU B 226 -2.92 -15.09 14.38
N VAL B 227 -1.60 -14.92 14.22
CA VAL B 227 -1.06 -13.79 13.48
C VAL B 227 -0.28 -14.24 12.25
N HIS B 228 -0.66 -13.73 11.08
CA HIS B 228 0.12 -14.01 9.88
C HIS B 228 0.46 -12.74 9.10
N CYS B 229 1.49 -12.80 8.28
CA CYS B 229 1.61 -11.78 7.26
C CYS B 229 1.99 -12.67 6.12
N SER B 230 2.55 -12.11 5.05
CA SER B 230 2.96 -12.93 3.92
C SER B 230 3.79 -14.18 4.17
N ALA B 231 5.01 -13.98 4.65
CA ALA B 231 5.85 -15.09 5.06
C ALA B 231 5.48 -15.46 6.49
N GLY B 232 5.04 -14.47 7.26
CA GLY B 232 4.64 -14.72 8.62
C GLY B 232 5.83 -14.82 9.55
N ILE B 233 6.83 -13.97 9.36
CA ILE B 233 7.95 -13.94 10.31
C ILE B 233 8.42 -12.53 10.70
N GLY B 234 8.42 -11.60 9.75
CA GLY B 234 8.92 -10.26 10.02
C GLY B 234 7.91 -9.41 10.76
N ARG B 235 6.79 -9.09 10.10
CA ARG B 235 5.77 -8.25 10.75
C ARG B 235 5.13 -9.04 11.88
N THR B 236 4.93 -10.33 11.64
CA THR B 236 4.32 -11.24 12.59
C THR B 236 5.11 -11.21 13.90
N GLY B 237 6.43 -11.33 13.81
CA GLY B 237 7.28 -11.25 14.99
C GLY B 237 7.33 -9.85 15.63
N THR B 238 7.25 -8.82 14.81
CA THR B 238 7.34 -7.47 15.35
C THR B 238 6.13 -7.16 16.25
N LEU B 239 4.95 -7.57 15.81
CA LEU B 239 3.72 -7.34 16.58
C LEU B 239 3.73 -8.15 17.86
N ILE B 240 3.97 -9.45 17.73
CA ILE B 240 3.97 -10.33 18.89
C ILE B 240 5.05 -9.89 19.87
N GLY B 241 6.22 -9.59 19.36
CA GLY B 241 7.29 -9.08 20.19
C GLY B 241 6.84 -7.86 20.96
N ALA B 242 6.22 -6.90 20.26
CA ALA B 242 5.76 -5.66 20.90
C ALA B 242 4.76 -5.93 22.01
N TYR B 243 3.77 -6.77 21.74
CA TYR B 243 2.78 -7.14 22.76
C TYR B 243 3.49 -7.67 24.01
N ALA B 244 4.35 -8.66 23.81
CA ALA B 244 5.11 -9.25 24.91
C ALA B 244 5.83 -8.21 25.73
N ALA B 245 6.54 -7.32 25.05
CA ALA B 245 7.35 -6.32 25.73
C ALA B 245 6.47 -5.39 26.59
N LEU B 246 5.32 -4.98 26.05
CA LEU B 246 4.38 -4.15 26.79
C LEU B 246 3.95 -4.85 28.05
N LEU B 247 3.69 -6.14 27.93
CA LEU B 247 3.22 -6.94 29.05
C LEU B 247 4.29 -7.05 30.13
N HIS B 248 5.56 -7.03 29.75
CA HIS B 248 6.61 -7.03 30.75
C HIS B 248 6.56 -5.73 31.55
N ILE B 249 6.19 -4.65 30.88
CA ILE B 249 6.09 -3.35 31.54
C ILE B 249 4.93 -3.33 32.54
N GLU B 250 3.77 -3.78 32.09
CA GLU B 250 2.62 -3.85 32.98
C GLU B 250 3.00 -4.58 34.25
N ARG B 251 3.48 -5.82 34.09
CA ARG B 251 3.83 -6.65 35.24
C ARG B 251 5.03 -6.11 35.99
N GLY B 252 5.53 -4.95 35.59
CA GLY B 252 6.69 -4.35 36.22
C GLY B 252 7.94 -5.23 36.26
N ILE B 253 8.23 -5.94 35.17
CA ILE B 253 9.43 -6.77 35.12
C ILE B 253 10.37 -6.32 33.97
N LEU B 254 10.16 -5.10 33.49
CA LEU B 254 11.00 -4.58 32.43
C LEU B 254 12.44 -4.57 32.89
N THR B 255 13.33 -4.91 31.96
CA THR B 255 14.72 -5.11 32.23
C THR B 255 15.51 -4.49 31.09
N ASP B 256 16.81 -4.31 31.26
CA ASP B 256 17.62 -3.79 30.16
C ASP B 256 17.65 -4.74 28.96
N SER B 257 17.50 -6.04 29.21
CA SER B 257 17.59 -7.05 28.16
C SER B 257 16.24 -7.63 27.68
N THR B 258 15.13 -7.08 28.16
CA THR B 258 13.81 -7.62 27.86
C THR B 258 13.49 -7.78 26.36
N VAL B 259 13.87 -6.80 25.56
CA VAL B 259 13.52 -6.83 24.15
C VAL B 259 14.35 -7.88 23.41
N TYR B 260 15.66 -7.85 23.68
CA TYR B 260 16.58 -8.81 23.10
C TYR B 260 16.06 -10.19 23.37
N SER B 261 15.78 -10.46 24.65
CA SER B 261 15.46 -11.81 25.09
C SER B 261 14.11 -12.27 24.55
N ILE B 262 13.17 -11.33 24.46
CA ILE B 262 11.89 -11.65 23.84
C ILE B 262 12.10 -12.06 22.38
N VAL B 263 12.86 -11.25 21.65
CA VAL B 263 13.07 -11.58 20.25
C VAL B 263 13.87 -12.88 20.10
N ALA B 264 14.82 -13.10 21.00
CA ALA B 264 15.63 -14.32 20.91
C ALA B 264 14.74 -15.53 21.07
N ALA B 265 13.77 -15.44 21.97
CA ALA B 265 12.86 -16.55 22.20
C ALA B 265 11.99 -16.83 20.98
N MET B 266 11.54 -15.77 20.31
CA MET B 266 10.68 -15.93 19.14
C MET B 266 11.45 -16.60 18.00
N LYS B 267 12.67 -16.14 17.74
CA LYS B 267 13.51 -16.68 16.68
C LYS B 267 13.71 -18.17 16.93
N GLN B 268 14.05 -18.51 18.16
CA GLN B 268 14.18 -19.89 18.57
C GLN B 268 12.93 -20.72 18.26
N LYS B 269 11.76 -20.11 18.36
CA LYS B 269 10.51 -20.85 18.19
C LYS B 269 10.11 -20.95 16.74
N ARG B 270 10.53 -19.96 15.96
CA ARG B 270 10.21 -19.90 14.54
C ARG B 270 11.31 -19.15 13.82
N PHE B 271 12.17 -19.89 13.13
CA PHE B 271 13.29 -19.28 12.46
C PHE B 271 12.91 -18.02 11.67
N GLY B 272 13.62 -16.92 11.92
CA GLY B 272 13.45 -15.71 11.12
C GLY B 272 12.59 -14.62 11.76
N MET B 273 11.84 -14.97 12.81
CA MET B 273 10.95 -14.01 13.49
C MET B 273 11.60 -12.65 13.67
N VAL B 274 10.93 -11.62 13.14
CA VAL B 274 11.50 -10.28 12.96
C VAL B 274 12.66 -9.77 12.09
N GLN B 275 12.37 -9.96 10.75
CA GLN B 275 13.42 -9.83 9.74
C GLN B 275 14.43 -8.71 9.59
N ARG B 276 14.07 -7.49 9.96
CA ARG B 276 14.92 -6.34 9.66
C ARG B 276 15.26 -5.55 10.90
N LEU B 277 16.35 -4.82 10.83
CA LEU B 277 16.78 -3.98 11.94
C LEU B 277 15.67 -2.96 12.31
N GLU B 278 15.10 -2.32 11.29
CA GLU B 278 14.01 -1.38 11.52
C GLU B 278 12.83 -2.02 12.26
N GLN B 279 12.58 -3.30 12.01
CA GLN B 279 11.52 -4.02 12.69
C GLN B 279 11.87 -4.26 14.15
N TYR B 280 13.13 -4.52 14.39
CA TYR B 280 13.59 -4.71 15.74
C TYR B 280 13.45 -3.38 16.47
N ALA B 281 13.76 -2.30 15.76
CA ALA B 281 13.69 -0.96 16.33
C ALA B 281 12.26 -0.61 16.78
N VAL B 282 11.27 -1.05 16.00
CA VAL B 282 9.86 -0.86 16.34
C VAL B 282 9.54 -1.36 17.75
N ILE B 283 9.95 -2.58 18.05
CA ILE B 283 9.70 -3.14 19.36
C ILE B 283 10.30 -2.24 20.44
N TYR B 284 11.53 -1.78 20.20
CA TYR B 284 12.16 -0.86 21.15
C TYR B 284 11.40 0.46 21.28
N MET B 285 11.00 1.01 20.15
CA MET B 285 10.23 2.24 20.12
C MET B 285 8.93 2.10 20.88
N THR B 286 8.29 0.93 20.73
CA THR B 286 7.04 0.66 21.40
C THR B 286 7.24 0.71 22.92
N VAL B 287 8.37 0.15 23.36
CA VAL B 287 8.71 0.18 24.77
C VAL B 287 8.96 1.60 25.26
N LEU B 288 9.80 2.33 24.53
CA LEU B 288 10.17 3.68 24.90
C LEU B 288 8.94 4.61 24.95
N GLY B 289 8.03 4.44 23.99
CA GLY B 289 6.80 5.21 23.96
C GLY B 289 5.95 5.05 25.21
N ARG B 290 5.69 3.80 25.62
CA ARG B 290 4.90 3.55 26.83
C ARG B 290 5.62 4.05 28.08
N LEU B 291 6.90 4.34 27.92
CA LEU B 291 7.72 4.81 29.01
C LEU B 291 7.76 6.34 29.05
N GLY B 292 7.13 6.95 28.05
CA GLY B 292 7.08 8.40 27.98
C GLY B 292 8.31 9.04 27.35
N VAL B 293 9.09 8.25 26.61
CA VAL B 293 10.31 8.78 26.01
C VAL B 293 10.15 9.23 24.57
N ASP B 294 10.65 10.42 24.28
CA ASP B 294 10.55 11.02 22.94
C ASP B 294 11.11 10.07 21.87
N ILE B 295 10.28 9.72 20.89
CA ILE B 295 10.66 8.74 19.88
C ILE B 295 11.44 9.33 18.70
N SER B 296 11.13 10.58 18.33
CA SER B 296 11.79 11.22 17.19
C SER B 296 13.27 10.84 17.14
N GLY B 297 13.72 10.42 15.95
CA GLY B 297 15.02 9.79 15.78
C GLY B 297 14.78 8.45 15.12
N LEU B 298 14.39 8.50 13.85
CA LEU B 298 13.83 7.33 13.17
C LEU B 298 14.47 7.14 11.80
P PO4 C . 4.21 9.48 -10.59
O1 PO4 C . 3.07 10.19 -11.31
O2 PO4 C . 3.92 8.01 -10.61
O3 PO4 C . 5.53 9.69 -11.29
O4 PO4 C . 4.34 10.01 -9.18
P PO4 D . 6.08 -11.26 7.11
O1 PO4 D . 5.29 -11.38 5.82
O2 PO4 D . 5.24 -11.71 8.30
O3 PO4 D . 7.28 -12.16 7.06
O4 PO4 D . 6.51 -9.84 7.36
#